data_3CVP
#
_entry.id   3CVP
#
_cell.length_a   45.100
_cell.length_b   66.277
_cell.length_c   51.621
_cell.angle_alpha   90.00
_cell.angle_beta   104.70
_cell.angle_gamma   90.00
#
_symmetry.space_group_name_H-M   'P 1 21 1'
#
loop_
_entity.id
_entity.type
_entity.pdbx_description
1 polymer 'Peroxisome targeting signal 1 receptor PEX5'
2 polymer '10-SKL PTS1 peptide Ac-GTLSNRASKL'
3 water water
#
loop_
_entity_poly.entity_id
_entity_poly.type
_entity_poly.pdbx_seq_one_letter_code
_entity_poly.pdbx_strand_id
1 'polypeptide(L)'
;GHMLQNNTDYPFEANNPYMYHENPMEEGLSMLKLANLAEAALAFEAVCQAAPEREEAWRSLGLTQAENEKDGLAIIALNH
ARMLDPKDIAVHAALAVSHTNEHNANAALASLRAWLLSQPQYEQLGSVNLQADVDIDDLNVQSEDFFFAAPNEYRECRTL
LHAALEMNPNDAQLHASLGVLYNLSNNYDSAAANLRRAVELRPDDAQLWNKLGATLANGNRPQEALDAYNRALDINPGYV
RVMYNMAVSYSNMSQYDLAAKQLVRAIYMQVGGTTPTGEASREATRSMWDFFRMLLNVMNRPDLVELTYAQNVEPFAKEF
GLQSMLL
;
A
2 'polypeptide(L)' GTLSNRASKL B
#
# COMPACT_ATOMS: atom_id res chain seq x y z
N THR A 8 20.73 4.59 -12.61
CA THR A 8 19.63 4.44 -11.62
C THR A 8 18.95 3.06 -11.71
N ASP A 9 18.65 2.49 -10.55
CA ASP A 9 17.84 1.28 -10.45
C ASP A 9 16.35 1.56 -10.69
N TYR A 10 15.96 2.82 -10.62
CA TYR A 10 14.56 3.18 -10.77
C TYR A 10 14.23 3.42 -12.24
N PRO A 11 13.15 2.78 -12.75
CA PRO A 11 12.79 2.93 -14.15
C PRO A 11 11.87 4.15 -14.37
N PHE A 12 12.49 5.33 -14.40
CA PHE A 12 11.77 6.57 -14.59
C PHE A 12 10.97 6.55 -15.90
N GLU A 13 9.71 6.97 -15.81
CA GLU A 13 8.89 7.15 -17.01
C GLU A 13 9.57 8.08 -17.98
N ALA A 14 9.62 7.68 -19.24
CA ALA A 14 10.13 8.55 -20.29
C ALA A 14 9.03 9.56 -20.63
N ASN A 15 9.42 10.75 -21.07
CA ASN A 15 8.46 11.79 -21.45
C ASN A 15 7.60 12.18 -20.25
N ASN A 16 8.26 12.64 -19.19
CA ASN A 16 7.56 13.10 -18.00
C ASN A 16 7.42 14.63 -18.08
N PRO A 17 6.18 15.12 -18.22
CA PRO A 17 5.99 16.55 -18.45
C PRO A 17 6.49 17.41 -17.29
N TYR A 18 6.56 16.84 -16.09
CA TYR A 18 7.03 17.57 -14.90
C TYR A 18 8.53 17.83 -14.93
N MET A 19 9.24 17.12 -15.81
CA MET A 19 10.67 17.36 -16.03
C MET A 19 10.93 18.81 -16.47
N TYR A 20 9.91 19.43 -17.04
CA TYR A 20 10.02 20.79 -17.57
C TYR A 20 9.63 21.85 -16.53
N HIS A 21 8.92 21.42 -15.49
CA HIS A 21 8.24 22.34 -14.59
C HIS A 21 9.12 23.01 -13.57
N GLU A 22 8.78 24.25 -13.25
CA GLU A 22 9.35 24.89 -12.10
C GLU A 22 8.56 24.34 -10.92
N ASN A 23 9.32 23.87 -9.95
CA ASN A 23 8.80 23.31 -8.69
C ASN A 23 7.86 22.10 -8.71
N PRO A 24 8.28 21.01 -9.39
CA PRO A 24 7.49 19.77 -9.38
C PRO A 24 7.31 19.14 -7.99
N MET A 25 8.20 19.43 -7.03
CA MET A 25 8.00 18.89 -5.68
C MET A 25 6.72 19.46 -5.05
N GLU A 26 6.58 20.78 -5.12
CA GLU A 26 5.38 21.48 -4.66
C GLU A 26 4.14 20.95 -5.36
N GLU A 27 4.22 20.84 -6.68
CA GLU A 27 3.15 20.27 -7.50
C GLU A 27 2.79 18.83 -7.17
N GLY A 28 3.79 17.99 -6.90
CA GLY A 28 3.56 16.63 -6.42
C GLY A 28 2.84 16.59 -5.08
N LEU A 29 3.26 17.45 -4.14
CA LEU A 29 2.60 17.52 -2.84
C LEU A 29 1.14 17.97 -3.00
N SER A 30 0.89 18.93 -3.89
CA SER A 30 -0.47 19.40 -4.11
C SER A 30 -1.32 18.31 -4.77
N MET A 31 -0.71 17.56 -5.70
CA MET A 31 -1.37 16.40 -6.31
C MET A 31 -1.74 15.32 -5.28
N LEU A 32 -0.87 15.14 -4.28
CA LEU A 32 -1.14 14.23 -3.15
C LEU A 32 -2.31 14.68 -2.29
N LYS A 33 -2.34 15.98 -1.98
CA LYS A 33 -3.44 16.56 -1.22
C LYS A 33 -4.76 16.37 -1.96
N LEU A 34 -4.71 16.55 -3.28
CA LEU A 34 -5.84 16.23 -4.16
C LEU A 34 -6.13 14.74 -4.31
N ALA A 35 -5.17 13.89 -3.95
CA ALA A 35 -5.29 12.43 -4.04
C ALA A 35 -5.12 11.88 -5.47
N ASN A 36 -4.46 12.62 -6.34
CA ASN A 36 -4.15 12.16 -7.71
C ASN A 36 -2.78 11.46 -7.75
N LEU A 37 -2.78 10.19 -7.36
CA LEU A 37 -1.55 9.46 -7.06
C LEU A 37 -0.61 9.32 -8.25
N ALA A 38 -1.14 8.88 -9.39
CA ALA A 38 -0.34 8.74 -10.61
C ALA A 38 0.39 10.05 -10.97
N GLU A 39 -0.34 11.16 -10.94
CA GLU A 39 0.23 12.48 -11.27
C GLU A 39 1.29 12.92 -10.27
N ALA A 40 1.01 12.73 -8.97
CA ALA A 40 1.97 13.01 -7.91
C ALA A 40 3.27 12.19 -8.08
N ALA A 41 3.13 10.92 -8.45
CA ALA A 41 4.31 10.05 -8.63
C ALA A 41 5.20 10.59 -9.74
N LEU A 42 4.60 10.99 -10.86
CA LEU A 42 5.33 11.58 -11.98
C LEU A 42 6.06 12.87 -11.59
N ALA A 43 5.38 13.74 -10.85
CA ALA A 43 5.97 14.96 -10.31
C ALA A 43 7.16 14.64 -9.39
N PHE A 44 6.97 13.68 -8.48
CA PHE A 44 8.07 13.27 -7.58
C PHE A 44 9.23 12.61 -8.35
N GLU A 45 8.89 11.83 -9.38
CA GLU A 45 9.88 11.24 -10.28
C GLU A 45 10.80 12.30 -10.88
N ALA A 46 10.19 13.39 -11.38
CA ALA A 46 10.93 14.52 -11.96
C ALA A 46 11.94 15.11 -10.99
N VAL A 47 11.52 15.31 -9.74
CA VAL A 47 12.42 15.76 -8.69
C VAL A 47 13.59 14.78 -8.42
N CYS A 48 13.30 13.48 -8.39
CA CYS A 48 14.34 12.48 -8.13
C CYS A 48 15.37 12.42 -9.26
N GLN A 49 14.92 12.69 -10.48
CA GLN A 49 15.81 12.72 -11.64
C GLN A 49 16.75 13.91 -11.61
N ALA A 50 16.18 15.09 -11.33
CA ALA A 50 16.91 16.34 -11.33
C ALA A 50 17.77 16.54 -10.09
N ALA A 51 17.30 16.06 -8.94
CA ALA A 51 18.02 16.16 -7.68
C ALA A 51 17.94 14.85 -6.85
N PRO A 52 18.73 13.82 -7.24
CA PRO A 52 18.68 12.48 -6.64
C PRO A 52 19.15 12.43 -5.20
N GLU A 53 19.74 13.53 -4.72
CA GLU A 53 20.14 13.61 -3.33
C GLU A 53 19.01 14.09 -2.42
N ARG A 54 17.86 14.44 -3.02
CA ARG A 54 16.74 14.98 -2.25
C ARG A 54 15.87 13.89 -1.60
N GLU A 55 16.14 13.63 -0.32
CA GLU A 55 15.52 12.50 0.38
C GLU A 55 13.99 12.57 0.46
N GLU A 56 13.44 13.76 0.73
CA GLU A 56 11.99 13.98 0.76
C GLU A 56 11.30 13.61 -0.56
N ALA A 57 12.04 13.73 -1.66
CA ALA A 57 11.52 13.41 -2.99
C ALA A 57 11.35 11.91 -3.20
N TRP A 58 12.36 11.15 -2.77
CA TRP A 58 12.35 9.69 -2.89
C TRP A 58 11.31 9.10 -1.96
N ARG A 59 11.22 9.68 -0.76
CA ARG A 59 10.26 9.22 0.23
C ARG A 59 8.85 9.42 -0.30
N SER A 60 8.54 10.63 -0.75
CA SER A 60 7.22 10.94 -1.31
C SER A 60 6.89 10.06 -2.52
N LEU A 61 7.89 9.81 -3.37
CA LEU A 61 7.72 8.90 -4.50
C LEU A 61 7.36 7.48 -4.01
N GLY A 62 8.17 6.97 -3.09
CA GLY A 62 7.99 5.64 -2.57
C GLY A 62 6.64 5.50 -1.93
N LEU A 63 6.29 6.45 -1.04
CA LEU A 63 4.97 6.44 -0.39
C LEU A 63 3.82 6.42 -1.38
N THR A 64 3.94 7.20 -2.45
CA THR A 64 2.85 7.36 -3.42
C THR A 64 2.69 6.09 -4.24
N GLN A 65 3.81 5.54 -4.71
CA GLN A 65 3.81 4.33 -5.54
C GLN A 65 3.16 3.13 -4.84
N ALA A 66 3.42 2.98 -3.55
CA ALA A 66 2.77 1.90 -2.79
C ALA A 66 1.24 2.08 -2.71
N GLU A 67 0.77 3.29 -2.40
CA GLU A 67 -0.67 3.59 -2.48
C GLU A 67 -1.25 3.46 -3.90
N ASN A 68 -0.39 3.60 -4.90
CA ASN A 68 -0.77 3.40 -6.30
C ASN A 68 -0.52 1.94 -6.72
N GLU A 69 -0.49 1.05 -5.72
CA GLU A 69 -0.46 -0.40 -6.01
C GLU A 69 0.82 -0.83 -6.76
N LYS A 70 1.95 -0.17 -6.45
CA LYS A 70 3.23 -0.52 -7.06
C LYS A 70 4.34 -0.71 -6.01
N ASP A 71 4.27 -1.79 -5.24
CA ASP A 71 5.24 -2.04 -4.18
C ASP A 71 6.67 -2.15 -4.70
N GLY A 72 6.85 -2.70 -5.90
CA GLY A 72 8.20 -2.86 -6.46
C GLY A 72 8.87 -1.51 -6.61
N LEU A 73 8.15 -0.57 -7.23
CA LEU A 73 8.65 0.78 -7.45
C LEU A 73 8.79 1.54 -6.12
N ALA A 74 7.90 1.23 -5.18
CA ALA A 74 7.94 1.80 -3.84
C ALA A 74 9.25 1.47 -3.16
N ILE A 75 9.54 0.16 -3.09
CA ILE A 75 10.79 -0.32 -2.48
C ILE A 75 12.03 0.33 -3.10
N ILE A 76 12.14 0.37 -4.43
CA ILE A 76 13.32 0.96 -5.04
C ILE A 76 13.51 2.39 -4.53
N ALA A 77 12.44 3.18 -4.57
CA ALA A 77 12.49 4.56 -4.16
C ALA A 77 12.78 4.72 -2.68
N LEU A 78 12.11 3.93 -1.84
CA LEU A 78 12.32 4.04 -0.40
C LEU A 78 13.74 3.68 0.03
N ASN A 79 14.39 2.74 -0.65
CA ASN A 79 15.77 2.40 -0.33
C ASN A 79 16.74 3.57 -0.60
N HIS A 80 16.44 4.38 -1.63
CA HIS A 80 17.18 5.63 -1.81
C HIS A 80 16.98 6.53 -0.59
N ALA A 81 15.73 6.69 -0.18
CA ALA A 81 15.38 7.56 0.94
C ALA A 81 16.07 7.08 2.21
N ARG A 82 16.09 5.77 2.41
CA ARG A 82 16.70 5.17 3.59
C ARG A 82 18.23 5.37 3.62
N MET A 83 18.87 5.32 2.46
CA MET A 83 20.31 5.62 2.39
C MET A 83 20.60 7.07 2.77
N LEU A 84 19.77 7.97 2.25
CA LEU A 84 19.94 9.41 2.43
C LEU A 84 19.56 9.92 3.84
N ASP A 85 18.63 9.24 4.50
CA ASP A 85 18.29 9.57 5.89
C ASP A 85 17.82 8.32 6.59
N PRO A 86 18.77 7.59 7.22
CA PRO A 86 18.45 6.34 7.87
C PRO A 86 17.56 6.46 9.11
N LYS A 87 17.25 7.68 9.51
CA LYS A 87 16.39 7.94 10.65
C LYS A 87 15.00 8.44 10.25
N ASP A 88 14.67 8.40 8.95
CA ASP A 88 13.33 8.76 8.50
C ASP A 88 12.45 7.54 8.77
N ILE A 89 11.62 7.63 9.82
CA ILE A 89 10.85 6.48 10.27
C ILE A 89 9.69 6.14 9.35
N ALA A 90 9.19 7.13 8.60
CA ALA A 90 8.13 6.89 7.62
C ALA A 90 8.64 6.01 6.49
N VAL A 91 9.93 6.11 6.21
CA VAL A 91 10.54 5.31 5.16
C VAL A 91 10.64 3.86 5.63
N HIS A 92 11.11 3.65 6.88
CA HIS A 92 11.21 2.28 7.41
C HIS A 92 9.83 1.63 7.51
N ALA A 93 8.85 2.40 7.97
CA ALA A 93 7.47 1.91 8.09
C ALA A 93 6.92 1.38 6.77
N ALA A 94 7.06 2.19 5.71
CA ALA A 94 6.60 1.86 4.37
C ALA A 94 7.36 0.70 3.74
N LEU A 95 8.67 0.64 3.98
CA LEU A 95 9.46 -0.49 3.52
C LEU A 95 8.94 -1.79 4.13
N ALA A 96 8.66 -1.78 5.42
CA ALA A 96 8.10 -2.96 6.11
C ALA A 96 6.80 -3.44 5.48
N VAL A 97 5.93 -2.47 5.12
CA VAL A 97 4.63 -2.76 4.51
C VAL A 97 4.80 -3.38 3.12
N SER A 98 5.56 -2.71 2.26
CA SER A 98 5.77 -3.21 0.90
C SER A 98 6.52 -4.56 0.86
N HIS A 99 7.51 -4.74 1.72
CA HIS A 99 8.22 -6.03 1.84
C HIS A 99 7.34 -7.16 2.36
N THR A 100 6.45 -6.86 3.31
CA THR A 100 5.45 -7.83 3.75
C THR A 100 4.52 -8.18 2.58
N ASN A 101 4.04 -7.19 1.85
CA ASN A 101 3.20 -7.50 0.68
C ASN A 101 3.95 -8.39 -0.32
N GLU A 102 5.24 -8.15 -0.43
CA GLU A 102 6.08 -8.84 -1.40
C GLU A 102 6.66 -10.15 -0.83
N HIS A 103 6.30 -10.47 0.41
CA HIS A 103 6.85 -11.65 1.11
C HIS A 103 8.39 -11.69 1.09
N ASN A 104 8.98 -10.54 1.40
CA ASN A 104 10.41 -10.40 1.66
C ASN A 104 10.53 -10.38 3.17
N ALA A 105 10.46 -11.57 3.78
CA ALA A 105 10.36 -11.67 5.24
C ALA A 105 11.50 -10.97 5.96
N ASN A 106 12.73 -11.29 5.57
CA ASN A 106 13.90 -10.73 6.22
C ASN A 106 13.93 -9.22 6.12
N ALA A 107 13.71 -8.72 4.92
CA ALA A 107 13.70 -7.29 4.64
C ALA A 107 12.57 -6.59 5.40
N ALA A 108 11.43 -7.27 5.53
CA ALA A 108 10.30 -6.73 6.31
C ALA A 108 10.62 -6.59 7.79
N LEU A 109 11.23 -7.64 8.37
CA LEU A 109 11.63 -7.58 9.78
C LEU A 109 12.77 -6.57 10.03
N ALA A 110 13.72 -6.45 9.09
CA ALA A 110 14.77 -5.43 9.18
C ALA A 110 14.20 -4.01 9.19
N SER A 111 13.16 -3.78 8.37
CA SER A 111 12.51 -2.48 8.30
C SER A 111 11.74 -2.11 9.58
N LEU A 112 10.98 -3.06 10.14
CA LEU A 112 10.23 -2.85 11.39
C LEU A 112 11.19 -2.55 12.53
N ARG A 113 12.27 -3.32 12.59
CA ARG A 113 13.25 -3.14 13.62
C ARG A 113 13.89 -1.76 13.49
N ALA A 114 14.21 -1.37 12.26
CA ALA A 114 14.78 -0.07 12.00
C ALA A 114 13.76 1.01 12.29
N TRP A 115 12.49 0.71 12.04
CA TRP A 115 11.42 1.67 12.32
C TRP A 115 11.37 2.02 13.81
N LEU A 116 11.52 1.00 14.65
CA LEU A 116 11.41 1.16 16.08
C LEU A 116 12.66 1.82 16.65
N LEU A 117 13.81 1.26 16.31
CA LEU A 117 15.06 1.68 16.93
C LEU A 117 15.59 3.03 16.44
N SER A 118 15.09 3.50 15.30
CA SER A 118 15.44 4.84 14.78
C SER A 118 14.78 5.97 15.58
N GLN A 119 13.87 5.61 16.48
CA GLN A 119 13.19 6.59 17.31
C GLN A 119 13.93 6.68 18.64
N PRO A 120 14.40 7.89 19.00
CA PRO A 120 15.15 8.10 20.25
C PRO A 120 14.34 7.62 21.46
N GLN A 121 13.03 7.79 21.36
CA GLN A 121 12.05 7.29 22.31
C GLN A 121 12.20 5.80 22.61
N TYR A 122 12.60 5.03 21.61
CA TYR A 122 12.65 3.56 21.70
C TYR A 122 14.06 3.00 21.57
N GLU A 123 15.01 3.85 21.17
CA GLU A 123 16.34 3.39 20.76
C GLU A 123 17.11 2.53 21.77
N GLN A 124 16.79 2.67 23.05
CA GLN A 124 17.48 1.95 24.13
C GLN A 124 17.15 0.47 24.13
N PHE A 146 9.08 -21.74 14.30
CA PHE A 146 7.76 -21.08 14.25
C PHE A 146 7.61 -20.24 12.98
N PHE A 147 8.23 -19.05 12.94
CA PHE A 147 8.20 -18.27 11.70
C PHE A 147 9.36 -18.69 10.80
N PHE A 148 9.06 -19.57 9.85
CA PHE A 148 10.10 -20.30 9.11
C PHE A 148 11.03 -19.45 8.26
N ALA A 149 10.54 -18.38 7.65
CA ALA A 149 11.38 -17.60 6.74
C ALA A 149 12.50 -16.81 7.47
N ALA A 150 12.30 -16.53 8.76
CA ALA A 150 13.24 -15.74 9.58
C ALA A 150 12.86 -15.79 11.06
N PRO A 151 13.10 -16.94 11.70
CA PRO A 151 12.61 -17.31 13.03
C PRO A 151 12.99 -16.38 14.16
N ASN A 152 14.29 -16.13 14.29
CA ASN A 152 14.83 -15.34 15.37
C ASN A 152 14.65 -13.84 15.16
N GLU A 153 14.80 -13.41 13.91
CA GLU A 153 14.56 -12.03 13.53
C GLU A 153 13.12 -11.64 13.86
N TYR A 154 12.20 -12.60 13.72
CA TYR A 154 10.79 -12.41 14.01
C TYR A 154 10.55 -12.26 15.52
N ARG A 155 11.12 -13.19 16.28
CA ARG A 155 11.03 -13.17 17.73
C ARG A 155 11.55 -11.86 18.29
N GLU A 156 12.73 -11.43 17.81
CA GLU A 156 13.32 -10.15 18.18
C GLU A 156 12.38 -8.96 17.93
N CYS A 157 11.83 -8.89 16.71
CA CYS A 157 10.87 -7.84 16.38
C CYS A 157 9.65 -7.85 17.31
N ARG A 158 9.08 -9.04 17.52
CA ARG A 158 7.94 -9.21 18.40
C ARG A 158 8.27 -8.70 19.79
N THR A 159 9.46 -9.06 20.28
CA THR A 159 9.88 -8.69 21.62
C THR A 159 10.10 -7.18 21.75
N LEU A 160 10.83 -6.61 20.79
CA LEU A 160 11.05 -5.19 20.76
C LEU A 160 9.72 -4.39 20.74
N LEU A 161 8.80 -4.74 19.84
CA LEU A 161 7.50 -4.05 19.75
C LEU A 161 6.67 -4.17 21.03
N HIS A 162 6.61 -5.37 21.63
CA HIS A 162 5.93 -5.55 22.92
C HIS A 162 6.56 -4.80 24.10
N ALA A 163 7.89 -4.72 24.12
CA ALA A 163 8.62 -3.96 25.13
C ALA A 163 8.35 -2.46 24.98
N ALA A 164 8.19 -2.02 23.73
CA ALA A 164 7.91 -0.64 23.39
C ALA A 164 6.49 -0.30 23.78
N LEU A 165 5.60 -1.27 23.59
CA LEU A 165 4.19 -1.15 23.97
C LEU A 165 4.04 -1.02 25.49
N GLU A 166 4.98 -1.59 26.23
CA GLU A 166 5.06 -1.42 27.67
C GLU A 166 5.52 -0.01 28.07
N MET A 167 6.34 0.61 27.23
CA MET A 167 6.85 1.96 27.50
C MET A 167 5.90 3.06 27.02
N ASN A 168 5.03 2.71 26.06
CA ASN A 168 4.07 3.64 25.44
C ASN A 168 2.82 2.91 24.95
N PRO A 169 1.91 2.54 25.90
CA PRO A 169 0.80 1.58 25.76
C PRO A 169 -0.31 1.89 24.74
N ASN A 170 -0.54 3.17 24.47
CA ASN A 170 -1.60 3.54 23.54
C ASN A 170 -1.07 4.25 22.30
N ASP A 171 0.10 3.81 21.84
CA ASP A 171 0.71 4.32 20.62
C ASP A 171 0.17 3.56 19.40
N ALA A 172 -0.56 4.28 18.55
CA ALA A 172 -1.25 3.68 17.41
C ALA A 172 -0.29 3.09 16.37
N GLN A 173 0.89 3.69 16.24
CA GLN A 173 1.88 3.20 15.28
C GLN A 173 2.54 1.90 15.74
N LEU A 174 2.65 1.74 17.06
CA LEU A 174 3.14 0.51 17.65
C LEU A 174 2.14 -0.62 17.42
N HIS A 175 0.87 -0.35 17.67
CA HIS A 175 -0.20 -1.31 17.35
C HIS A 175 -0.25 -1.65 15.85
N ALA A 176 -0.09 -0.62 15.02
CA ALA A 176 -0.09 -0.80 13.56
C ALA A 176 1.09 -1.66 13.14
N SER A 177 2.27 -1.37 13.68
CA SER A 177 3.48 -2.15 13.43
C SER A 177 3.39 -3.62 13.87
N LEU A 178 2.79 -3.87 15.03
CA LEU A 178 2.46 -5.23 15.43
C LEU A 178 1.48 -5.89 14.43
N GLY A 179 0.52 -5.12 13.91
CA GLY A 179 -0.34 -5.57 12.81
C GLY A 179 0.46 -6.02 11.59
N VAL A 180 1.46 -5.23 11.17
CA VAL A 180 2.27 -5.60 10.00
C VAL A 180 3.04 -6.91 10.30
N LEU A 181 3.72 -6.94 11.44
CA LEU A 181 4.42 -8.15 11.88
C LEU A 181 3.53 -9.38 11.87
N TYR A 182 2.33 -9.24 12.40
CA TYR A 182 1.42 -10.38 12.50
C TYR A 182 0.82 -10.82 11.17
N ASN A 183 0.62 -9.88 10.24
CA ASN A 183 0.35 -10.21 8.83
C ASN A 183 1.45 -11.05 8.20
N LEU A 184 2.70 -10.73 8.53
CA LEU A 184 3.86 -11.45 8.00
C LEU A 184 3.78 -12.92 8.37
N SER A 185 3.44 -13.22 9.61
CA SER A 185 3.32 -14.60 10.09
C SER A 185 1.90 -15.19 9.92
N ASN A 186 1.04 -14.51 9.17
CA ASN A 186 -0.31 -14.99 8.90
C ASN A 186 -1.14 -15.17 10.18
N ASN A 187 -0.88 -14.36 11.20
CA ASN A 187 -1.66 -14.47 12.43
C ASN A 187 -2.68 -13.34 12.41
N TYR A 188 -3.66 -13.49 11.53
CA TYR A 188 -4.51 -12.39 11.09
C TYR A 188 -5.46 -11.94 12.17
N ASP A 189 -5.72 -12.80 13.14
CA ASP A 189 -6.56 -12.44 14.25
C ASP A 189 -5.86 -11.47 15.20
N SER A 190 -4.60 -11.77 15.59
CA SER A 190 -3.82 -10.85 16.40
C SER A 190 -3.54 -9.55 15.62
N ALA A 191 -3.25 -9.70 14.33
CA ALA A 191 -3.00 -8.53 13.49
C ALA A 191 -4.24 -7.62 13.50
N ALA A 192 -5.40 -8.19 13.21
CA ALA A 192 -6.66 -7.45 13.18
C ALA A 192 -6.97 -6.77 14.51
N ALA A 193 -6.71 -7.43 15.63
CA ALA A 193 -6.94 -6.82 16.96
C ALA A 193 -6.06 -5.60 17.17
N ASN A 194 -4.78 -5.73 16.87
CA ASN A 194 -3.88 -4.61 16.99
C ASN A 194 -4.22 -3.43 16.07
N LEU A 195 -4.57 -3.75 14.84
CA LEU A 195 -4.90 -2.75 13.84
C LEU A 195 -6.26 -2.10 14.11
N ARG A 196 -7.19 -2.87 14.68
CA ARG A 196 -8.47 -2.31 15.13
C ARG A 196 -8.25 -1.27 16.21
N ARG A 197 -7.36 -1.56 17.17
CA ARG A 197 -6.98 -0.57 18.18
C ARG A 197 -6.35 0.67 17.53
N ALA A 198 -5.50 0.47 16.53
CA ALA A 198 -4.87 1.59 15.84
C ALA A 198 -5.87 2.54 15.19
N VAL A 199 -6.90 1.99 14.53
CA VAL A 199 -7.93 2.84 13.90
C VAL A 199 -8.87 3.49 14.92
N GLU A 200 -9.08 2.85 16.07
CA GLU A 200 -9.83 3.48 17.19
C GLU A 200 -9.12 4.74 17.65
N LEU A 201 -7.80 4.67 17.66
CA LEU A 201 -6.97 5.77 18.09
C LEU A 201 -6.80 6.84 17.02
N ARG A 202 -6.81 6.40 15.76
CA ARG A 202 -6.67 7.28 14.58
C ARG A 202 -7.66 6.95 13.46
N PRO A 203 -8.95 7.31 13.67
CA PRO A 203 -10.02 6.88 12.76
C PRO A 203 -10.11 7.68 11.45
N ASP A 204 -9.23 8.66 11.27
CA ASP A 204 -9.17 9.42 10.02
CA ASP A 204 -9.14 9.45 10.05
C ASP A 204 -7.90 9.08 9.24
N ASP A 205 -7.22 8.01 9.65
CA ASP A 205 -6.00 7.63 8.96
C ASP A 205 -6.33 6.58 7.90
N ALA A 206 -6.29 6.99 6.63
CA ALA A 206 -6.65 6.11 5.51
C ALA A 206 -5.82 4.82 5.45
N GLN A 207 -4.53 4.93 5.75
CA GLN A 207 -3.60 3.80 5.66
C GLN A 207 -3.91 2.69 6.70
N LEU A 208 -4.30 3.13 7.89
CA LEU A 208 -4.68 2.23 8.97
C LEU A 208 -5.94 1.44 8.65
N TRP A 209 -6.95 2.12 8.14
CA TRP A 209 -8.15 1.45 7.67
C TRP A 209 -7.87 0.46 6.53
N ASN A 210 -7.04 0.83 5.56
CA ASN A 210 -6.66 -0.13 4.53
C ASN A 210 -5.89 -1.34 5.07
N LYS A 211 -5.02 -1.07 6.05
CA LYS A 211 -4.19 -2.12 6.64
C LYS A 211 -5.08 -3.10 7.40
N LEU A 212 -6.02 -2.57 8.19
CA LEU A 212 -7.06 -3.37 8.83
C LEU A 212 -7.87 -4.19 7.82
N GLY A 213 -8.29 -3.56 6.72
CA GLY A 213 -9.06 -4.26 5.69
C GLY A 213 -8.32 -5.42 5.04
N ALA A 214 -7.14 -5.14 4.50
CA ALA A 214 -6.20 -6.19 3.99
C ALA A 214 -6.02 -7.37 4.96
N THR A 215 -5.80 -7.04 6.23
CA THR A 215 -5.66 -8.04 7.28
C THR A 215 -6.91 -8.93 7.35
N LEU A 216 -8.07 -8.29 7.49
CA LEU A 216 -9.35 -8.99 7.56
C LEU A 216 -9.60 -9.83 6.30
N ALA A 217 -9.30 -9.25 5.14
CA ALA A 217 -9.46 -9.92 3.87
C ALA A 217 -8.60 -11.16 3.76
N ASN A 218 -7.30 -11.02 4.05
CA ASN A 218 -6.39 -12.16 4.03
C ASN A 218 -6.73 -13.20 5.09
N GLY A 219 -7.44 -12.80 6.15
CA GLY A 219 -7.90 -13.69 7.21
C GLY A 219 -9.33 -14.19 7.00
N ASN A 220 -9.76 -14.21 5.74
CA ASN A 220 -11.05 -14.75 5.32
C ASN A 220 -12.26 -14.09 5.99
N ARG A 221 -12.20 -12.78 6.17
CA ARG A 221 -13.32 -12.01 6.68
C ARG A 221 -13.57 -10.82 5.75
N PRO A 222 -13.91 -11.11 4.47
CA PRO A 222 -13.99 -10.08 3.44
C PRO A 222 -15.11 -9.06 3.62
N GLN A 223 -16.18 -9.44 4.31
CA GLN A 223 -17.31 -8.53 4.53
C GLN A 223 -16.90 -7.39 5.44
N GLU A 224 -16.22 -7.76 6.53
CA GLU A 224 -15.66 -6.83 7.48
C GLU A 224 -14.55 -5.99 6.84
N ALA A 225 -13.74 -6.63 6.00
CA ALA A 225 -12.69 -5.94 5.26
C ALA A 225 -13.26 -4.78 4.44
N LEU A 226 -14.41 -5.03 3.80
CA LEU A 226 -15.04 -4.03 2.91
C LEU A 226 -15.53 -2.82 3.66
N ASP A 227 -16.01 -3.02 4.89
CA ASP A 227 -16.35 -1.91 5.76
C ASP A 227 -15.12 -1.07 6.07
N ALA A 228 -13.98 -1.72 6.34
CA ALA A 228 -12.74 -0.97 6.62
C ALA A 228 -12.30 -0.20 5.37
N TYR A 229 -12.36 -0.86 4.22
CA TYR A 229 -11.98 -0.24 2.93
C TYR A 229 -12.85 0.96 2.59
N ASN A 230 -14.15 0.84 2.87
CA ASN A 230 -15.08 1.95 2.65
C ASN A 230 -14.73 3.18 3.48
N ARG A 231 -14.29 2.96 4.72
CA ARG A 231 -13.78 4.04 5.57
C ARG A 231 -12.54 4.66 4.96
N ALA A 232 -11.62 3.82 4.48
CA ALA A 232 -10.38 4.27 3.85
C ALA A 232 -10.61 5.12 2.61
N LEU A 233 -11.53 4.67 1.75
CA LEU A 233 -11.87 5.38 0.52
C LEU A 233 -12.57 6.72 0.77
N ASP A 234 -13.33 6.78 1.86
CA ASP A 234 -14.01 8.00 2.26
C ASP A 234 -13.00 9.06 2.68
N ILE A 235 -11.91 8.61 3.30
CA ILE A 235 -10.83 9.53 3.67
C ILE A 235 -10.03 9.96 2.45
N ASN A 236 -9.60 8.99 1.65
CA ASN A 236 -8.76 9.23 0.48
C ASN A 236 -9.41 8.59 -0.76
N PRO A 237 -10.23 9.37 -1.48
CA PRO A 237 -10.93 8.86 -2.65
C PRO A 237 -10.00 8.45 -3.80
N GLY A 238 -8.71 8.76 -3.70
CA GLY A 238 -7.76 8.40 -4.77
C GLY A 238 -6.85 7.23 -4.43
N TYR A 239 -7.16 6.55 -3.33
CA TYR A 239 -6.36 5.43 -2.80
C TYR A 239 -6.58 4.19 -3.67
N VAL A 240 -5.77 4.06 -4.72
CA VAL A 240 -5.93 3.00 -5.73
C VAL A 240 -5.77 1.59 -5.14
N ARG A 241 -4.84 1.45 -4.20
CA ARG A 241 -4.65 0.19 -3.48
C ARG A 241 -5.93 -0.29 -2.77
N VAL A 242 -6.68 0.64 -2.18
CA VAL A 242 -7.93 0.30 -1.48
C VAL A 242 -8.96 -0.17 -2.49
N MET A 243 -9.06 0.57 -3.60
CA MET A 243 -9.92 0.19 -4.74
C MET A 243 -9.60 -1.20 -5.25
N TYR A 244 -8.30 -1.47 -5.46
CA TYR A 244 -7.88 -2.81 -5.89
C TYR A 244 -8.29 -3.86 -4.84
N ASN A 245 -7.94 -3.60 -3.58
CA ASN A 245 -8.28 -4.49 -2.45
C ASN A 245 -9.81 -4.79 -2.38
N MET A 246 -10.63 -3.79 -2.67
CA MET A 246 -12.09 -3.99 -2.70
C MET A 246 -12.50 -4.90 -3.85
N ALA A 247 -11.92 -4.70 -5.04
CA ALA A 247 -12.13 -5.65 -6.14
C ALA A 247 -11.79 -7.08 -5.68
N VAL A 248 -10.68 -7.21 -4.95
CA VAL A 248 -10.22 -8.52 -4.49
C VAL A 248 -11.24 -9.16 -3.55
N SER A 249 -11.71 -8.38 -2.57
CA SER A 249 -12.63 -8.92 -1.56
C SER A 249 -13.98 -9.27 -2.20
N TYR A 250 -14.45 -8.42 -3.12
CA TYR A 250 -15.72 -8.70 -3.82
C TYR A 250 -15.59 -9.95 -4.67
N SER A 251 -14.44 -10.10 -5.32
CA SER A 251 -14.15 -11.29 -6.12
C SER A 251 -14.11 -12.54 -5.23
N ASN A 252 -13.47 -12.41 -4.07
CA ASN A 252 -13.45 -13.47 -3.07
C ASN A 252 -14.84 -13.91 -2.61
N MET A 253 -15.78 -12.98 -2.52
CA MET A 253 -17.17 -13.29 -2.15
C MET A 253 -18.03 -13.61 -3.38
N SER A 254 -17.39 -13.70 -4.54
CA SER A 254 -18.07 -13.92 -5.82
C SER A 254 -19.19 -12.93 -6.10
N GLN A 255 -18.99 -11.67 -5.72
CA GLN A 255 -19.88 -10.60 -6.12
C GLN A 255 -19.18 -9.85 -7.26
N TYR A 256 -19.28 -10.44 -8.45
CA TYR A 256 -18.47 -10.04 -9.60
C TYR A 256 -18.89 -8.74 -10.25
N ASP A 257 -20.15 -8.38 -10.14
CA ASP A 257 -20.60 -7.07 -10.61
C ASP A 257 -19.89 -5.98 -9.80
N LEU A 258 -19.79 -6.19 -8.49
CA LEU A 258 -19.21 -5.23 -7.59
C LEU A 258 -17.69 -5.22 -7.75
N ALA A 259 -17.12 -6.40 -7.95
CA ALA A 259 -15.69 -6.50 -8.20
C ALA A 259 -15.29 -5.78 -9.48
N ALA A 260 -16.07 -5.99 -10.55
CA ALA A 260 -15.81 -5.36 -11.84
C ALA A 260 -15.87 -3.84 -11.76
N LYS A 261 -16.86 -3.32 -11.04
CA LYS A 261 -17.00 -1.88 -10.84
C LYS A 261 -15.80 -1.28 -10.13
N GLN A 262 -15.31 -1.93 -9.08
CA GLN A 262 -14.19 -1.41 -8.30
C GLN A 262 -12.91 -1.53 -9.09
N LEU A 263 -12.80 -2.60 -9.87
CA LEU A 263 -11.58 -2.83 -10.65
C LEU A 263 -11.41 -1.80 -11.80
N VAL A 264 -12.51 -1.46 -12.46
CA VAL A 264 -12.55 -0.39 -13.45
C VAL A 264 -12.08 0.94 -12.84
N ARG A 265 -12.63 1.30 -11.68
CA ARG A 265 -12.19 2.49 -10.93
C ARG A 265 -10.69 2.43 -10.68
N ALA A 266 -10.23 1.30 -10.14
CA ALA A 266 -8.79 1.05 -9.88
C ALA A 266 -7.89 1.22 -11.10
N ILE A 267 -8.23 0.54 -12.20
CA ILE A 267 -7.49 0.68 -13.47
C ILE A 267 -7.48 2.12 -13.97
N TYR A 268 -8.65 2.73 -14.04
CA TYR A 268 -8.76 4.11 -14.48
C TYR A 268 -7.89 5.03 -13.64
N MET A 269 -7.96 4.87 -12.32
CA MET A 269 -7.26 5.74 -11.41
C MET A 269 -5.75 5.45 -11.39
N GLN A 270 -5.38 4.20 -11.61
CA GLN A 270 -3.97 3.83 -11.53
C GLN A 270 -3.14 4.58 -12.58
N VAL A 271 -3.68 4.71 -13.79
CA VAL A 271 -2.92 5.18 -14.95
C VAL A 271 -2.80 6.71 -15.01
N THR A 285 -0.27 -2.57 -14.55
CA THR A 285 -1.55 -2.33 -15.22
C THR A 285 -2.12 -3.58 -15.94
N ARG A 286 -1.26 -4.29 -16.65
CA ARG A 286 -1.65 -5.50 -17.38
C ARG A 286 -2.15 -6.62 -16.46
N SER A 287 -1.54 -6.73 -15.29
CA SER A 287 -2.00 -7.66 -14.27
C SER A 287 -3.45 -7.37 -13.88
N MET A 288 -3.82 -6.08 -13.77
CA MET A 288 -5.17 -5.72 -13.37
C MET A 288 -6.14 -6.01 -14.51
N TRP A 289 -5.73 -5.68 -15.72
CA TRP A 289 -6.49 -6.04 -16.91
C TRP A 289 -6.71 -7.53 -17.03
N ASP A 290 -5.69 -8.33 -16.72
CA ASP A 290 -5.85 -9.79 -16.75
C ASP A 290 -6.82 -10.28 -15.67
N PHE A 291 -6.73 -9.69 -14.48
CA PHE A 291 -7.68 -9.97 -13.38
C PHE A 291 -9.10 -9.59 -13.85
N PHE A 292 -9.22 -8.40 -14.43
CA PHE A 292 -10.50 -7.94 -14.99
C PHE A 292 -11.05 -8.91 -16.02
N ARG A 293 -10.17 -9.44 -16.87
CA ARG A 293 -10.57 -10.43 -17.87
C ARG A 293 -11.20 -11.68 -17.27
N MET A 294 -10.68 -12.13 -16.11
CA MET A 294 -11.20 -13.30 -15.40
C MET A 294 -12.59 -13.06 -14.81
N LEU A 295 -12.82 -11.85 -14.33
CA LEU A 295 -14.14 -11.43 -13.83
C LEU A 295 -15.13 -11.45 -14.96
N LEU A 296 -14.74 -10.91 -16.11
CA LEU A 296 -15.66 -10.86 -17.24
C LEU A 296 -15.99 -12.27 -17.73
N ASN A 297 -15.01 -13.16 -17.70
CA ASN A 297 -15.21 -14.55 -18.09
C ASN A 297 -16.16 -15.29 -17.15
N VAL A 298 -15.90 -15.17 -15.85
CA VAL A 298 -16.69 -15.89 -14.87
C VAL A 298 -18.17 -15.48 -14.92
N MET A 299 -18.42 -14.19 -15.15
CA MET A 299 -19.78 -13.66 -15.24
C MET A 299 -20.44 -13.93 -16.59
N ASN A 300 -19.79 -14.75 -17.42
CA ASN A 300 -20.29 -15.15 -18.75
C ASN A 300 -20.45 -13.97 -19.70
N ARG A 301 -19.42 -13.13 -19.78
CA ARG A 301 -19.42 -12.03 -20.75
C ARG A 301 -18.25 -12.12 -21.73
N PRO A 302 -18.31 -13.08 -22.67
CA PRO A 302 -17.24 -13.22 -23.65
C PRO A 302 -17.07 -11.98 -24.53
N ASP A 303 -18.16 -11.28 -24.83
CA ASP A 303 -18.08 -10.02 -25.60
C ASP A 303 -17.17 -8.97 -24.92
N LEU A 304 -17.19 -8.94 -23.59
CA LEU A 304 -16.44 -7.95 -22.85
C LEU A 304 -14.98 -8.35 -22.66
N VAL A 305 -14.75 -9.65 -22.49
CA VAL A 305 -13.43 -10.26 -22.35
C VAL A 305 -12.51 -9.86 -23.51
N GLU A 306 -13.04 -9.99 -24.73
CA GLU A 306 -12.32 -9.62 -25.93
C GLU A 306 -11.96 -8.13 -25.96
N LEU A 307 -12.76 -7.30 -25.30
CA LEU A 307 -12.53 -5.85 -25.31
C LEU A 307 -11.40 -5.42 -24.37
N THR A 308 -11.03 -6.29 -23.43
CA THR A 308 -9.98 -5.98 -22.45
C THR A 308 -8.58 -5.88 -23.05
N TYR A 309 -8.34 -6.53 -24.19
CA TYR A 309 -7.02 -6.45 -24.81
C TYR A 309 -6.71 -5.05 -25.35
N ALA A 310 -7.75 -4.32 -25.77
CA ALA A 310 -7.56 -2.94 -26.24
C ALA A 310 -7.17 -2.03 -25.11
N GLN A 311 -7.46 -2.45 -23.87
CA GLN A 311 -7.13 -1.70 -22.66
C GLN A 311 -7.65 -0.26 -22.63
N ASN A 312 -8.82 -0.05 -23.23
CA ASN A 312 -9.57 1.19 -23.08
C ASN A 312 -10.61 0.95 -22.00
N VAL A 313 -10.57 1.76 -20.93
CA VAL A 313 -11.44 1.58 -19.79
C VAL A 313 -12.88 2.10 -20.04
N GLU A 314 -13.02 3.01 -21.01
CA GLU A 314 -14.29 3.70 -21.30
C GLU A 314 -15.51 2.82 -21.57
N PRO A 315 -15.40 1.82 -22.48
CA PRO A 315 -16.55 0.94 -22.67
C PRO A 315 -16.94 0.21 -21.42
N PHE A 316 -15.96 -0.05 -20.54
CA PHE A 316 -16.23 -0.73 -19.28
C PHE A 316 -16.78 0.21 -18.22
N ALA A 317 -16.33 1.46 -18.25
CA ALA A 317 -16.89 2.50 -17.39
C ALA A 317 -18.36 2.67 -17.74
N LYS A 318 -18.67 2.77 -19.03
CA LYS A 318 -20.07 2.80 -19.49
C LYS A 318 -20.84 1.55 -19.05
N GLU A 319 -20.30 0.38 -19.37
CA GLU A 319 -20.94 -0.91 -19.05
C GLU A 319 -21.28 -1.15 -17.59
N PHE A 320 -20.44 -0.68 -16.67
CA PHE A 320 -20.58 -1.01 -15.24
C PHE A 320 -21.01 0.18 -14.36
N ASN B 5 -9.69 -16.30 -2.00
CA ASN B 5 -8.55 -16.73 -2.86
C ASN B 5 -7.44 -15.68 -3.00
N ARG B 6 -7.74 -14.56 -3.67
CA ARG B 6 -6.75 -13.53 -4.00
C ARG B 6 -6.19 -12.76 -2.81
N ALA B 7 -4.91 -12.42 -2.89
CA ALA B 7 -4.20 -11.71 -1.82
C ALA B 7 -4.54 -10.22 -1.79
N SER B 8 -4.66 -9.70 -0.57
CA SER B 8 -4.92 -8.28 -0.35
C SER B 8 -3.65 -7.58 0.17
N LYS B 9 -3.55 -6.28 -0.09
CA LYS B 9 -2.29 -5.56 0.13
C LYS B 9 -2.38 -4.58 1.28
N LEU B 10 -1.40 -4.61 2.17
CA LEU B 10 -1.30 -3.62 3.24
C LEU B 10 -0.87 -2.28 2.64
#